data_1Z5X
#
_entry.id   1Z5X
#
_cell.length_a   143.005
_cell.length_b   143.005
_cell.length_c   84.015
_cell.angle_alpha   90.00
_cell.angle_beta   90.00
_cell.angle_gamma   90.00
#
_symmetry.space_group_name_H-M   'P 43 21 2'
#
loop_
_entity.id
_entity.type
_entity.pdbx_description
1 polymer 'Ultraspiracle protein (USP) a homologue of RXR'
2 polymer 'Ecdysone receptor ligand binding domain'
3 non-polymer 'PHOSPHATE ION'
4 non-polymer 2,3,14,20,22-PENTAHYDROXYCHOLEST-7-EN-6-ONE
#
loop_
_entity_poly.entity_id
_entity_poly.type
_entity_poly.pdbx_seq_one_letter_code
_entity_poly.pdbx_strand_id
1 'polypeptide(L)'
;MDYKDDDDKGPKREAVQEERQRNKEKSENEVESTSNSQNDMPIERILEAELRVEPKNEDIDSRDPVSDICQAADRQLYQL
IEWAKHIPHFTELPVEDQVILLKSGWNELLIAGFSHRSMSVKDGIMLATGLVVHRNCAHQAGVGAIFDRVLTELVAKMRE
MKMDKTELGCLRSIVLFNPEAKGLKSTQQVENLREKVYAILEEYCRQTYPDQSGRFAKLLLRLPALRSIGLKCLEHLFFF
KLVGNTSIDSFLLSMLESNSDS
;
U
2 'polypeptide(L)'
;MGMRGSHHHHHHRPECVVPEFQCAVKRKEKKAQKDKDKPNSTTSCSPDGIKQEIDPQRLDTDSQLLSVNGVKPITPEQEE
LIHRLVYFQNEYEHPSPEDIKRIVNAAPEEENVAEERFRHITEITILTVQLIVEFSKRLPGFDKLIREDQIALLKACSSE
VMMFRMARRYDAETDSILFATNQPYTRESYTVAGMGDTVEDLLRFCRHMCAMKVDNAEYALLTAIVIFSERPSLSEGWKV
EKIQEIYIEALKAYVENRRKPYATTIFAKLLSVLTELRTLGNMNSETCFSLKLKNRKVPSFLEEIWDVVS
;
E
#
loop_
_chem_comp.id
_chem_comp.type
_chem_comp.name
_chem_comp.formula
P1A non-polymer 2,3,14,20,22-PENTAHYDROXYCHOLEST-7-EN-6-ONE 'C27 H44 O6'
PO4 non-polymer 'PHOSPHATE ION' 'O4 P -3'
#
# COMPACT_ATOMS: atom_id res chain seq x y z
N VAL A 66 18.71 -33.81 -5.15
CA VAL A 66 18.03 -32.56 -4.67
C VAL A 66 16.51 -32.72 -4.62
N SER A 67 15.90 -32.27 -3.52
CA SER A 67 14.45 -32.37 -3.32
C SER A 67 13.65 -31.82 -4.50
N ASP A 68 12.36 -32.13 -4.50
CA ASP A 68 11.49 -31.67 -5.57
C ASP A 68 11.19 -30.18 -5.40
N ILE A 69 10.72 -29.83 -4.21
CA ILE A 69 10.39 -28.45 -3.89
C ILE A 69 11.69 -27.66 -3.72
N CYS A 70 12.74 -28.33 -3.27
CA CYS A 70 14.00 -27.65 -3.08
C CYS A 70 14.61 -27.14 -4.37
N GLN A 71 14.67 -27.99 -5.39
CA GLN A 71 15.26 -27.52 -6.64
C GLN A 71 14.32 -26.54 -7.31
N ALA A 72 13.04 -26.58 -6.94
CA ALA A 72 12.07 -25.63 -7.49
C ALA A 72 12.44 -24.25 -6.93
N ALA A 73 12.72 -24.21 -5.63
CA ALA A 73 13.11 -22.98 -4.95
C ALA A 73 14.43 -22.48 -5.51
N ASP A 74 15.35 -23.40 -5.70
CA ASP A 74 16.66 -23.05 -6.22
C ASP A 74 16.56 -22.39 -7.58
N ARG A 75 15.73 -22.96 -8.46
CA ARG A 75 15.53 -22.45 -9.83
C ARG A 75 14.74 -21.13 -9.78
N GLN A 76 13.73 -21.09 -8.92
CA GLN A 76 12.89 -19.91 -8.77
C GLN A 76 13.66 -18.65 -8.45
N LEU A 77 14.71 -18.77 -7.65
CA LEU A 77 15.52 -17.61 -7.30
C LEU A 77 16.47 -17.35 -8.41
N TYR A 78 17.13 -18.40 -8.88
CA TYR A 78 18.05 -18.25 -9.99
C TYR A 78 17.33 -17.50 -11.13
N GLN A 79 16.09 -17.89 -11.42
CA GLN A 79 15.35 -17.22 -12.49
C GLN A 79 15.08 -15.74 -12.14
N LEU A 80 14.78 -15.48 -10.88
CA LEU A 80 14.50 -14.11 -10.46
C LEU A 80 15.70 -13.24 -10.70
N ILE A 81 16.80 -13.58 -10.04
CA ILE A 81 18.01 -12.81 -10.15
C ILE A 81 18.42 -12.66 -11.63
N GLU A 82 18.27 -13.72 -12.41
CA GLU A 82 18.65 -13.62 -13.81
C GLU A 82 17.67 -12.69 -14.54
N TRP A 83 16.41 -12.69 -14.13
CA TRP A 83 15.42 -11.82 -14.76
C TRP A 83 15.85 -10.37 -14.61
N ALA A 84 16.14 -9.98 -13.36
CA ALA A 84 16.56 -8.62 -13.05
C ALA A 84 17.87 -8.24 -13.70
N LYS A 85 18.80 -9.18 -13.76
CA LYS A 85 20.10 -8.92 -14.37
C LYS A 85 19.82 -8.37 -15.75
N HIS A 86 18.78 -8.91 -16.40
CA HIS A 86 18.42 -8.48 -17.76
C HIS A 86 17.40 -7.36 -17.94
N ILE A 87 17.11 -6.58 -16.90
CA ILE A 87 16.17 -5.46 -17.03
C ILE A 87 17.02 -4.27 -17.41
N PRO A 88 16.70 -3.60 -18.51
CA PRO A 88 17.47 -2.44 -18.97
C PRO A 88 17.88 -1.45 -17.90
N HIS A 89 19.18 -1.35 -17.67
CA HIS A 89 19.81 -0.44 -16.69
C HIS A 89 19.99 -0.95 -15.27
N PHE A 90 19.33 -2.04 -14.93
CA PHE A 90 19.44 -2.58 -13.57
C PHE A 90 20.91 -2.71 -13.10
N THR A 91 21.71 -3.43 -13.90
CA THR A 91 23.10 -3.67 -13.56
C THR A 91 23.99 -2.48 -13.74
N GLU A 92 23.42 -1.34 -14.13
CA GLU A 92 24.22 -0.14 -14.26
C GLU A 92 24.11 0.61 -12.92
N LEU A 93 23.31 0.08 -12.00
CA LEU A 93 23.20 0.69 -10.69
C LEU A 93 24.34 0.14 -9.83
N PRO A 94 24.67 0.82 -8.72
CA PRO A 94 25.75 0.35 -7.84
C PRO A 94 25.42 -1.04 -7.31
N VAL A 95 26.34 -1.98 -7.43
CA VAL A 95 26.03 -3.32 -6.98
C VAL A 95 25.32 -3.44 -5.64
N GLU A 96 25.69 -2.60 -4.68
CA GLU A 96 25.08 -2.62 -3.35
C GLU A 96 23.61 -2.27 -3.45
N ASP A 97 23.28 -1.34 -4.34
CA ASP A 97 21.90 -0.94 -4.58
C ASP A 97 21.13 -2.06 -5.28
N GLN A 98 21.83 -2.79 -6.14
CA GLN A 98 21.25 -3.93 -6.81
C GLN A 98 20.84 -4.97 -5.78
N VAL A 99 21.69 -5.20 -4.78
CA VAL A 99 21.37 -6.16 -3.74
C VAL A 99 20.18 -5.66 -2.92
N ILE A 100 20.26 -4.39 -2.54
CA ILE A 100 19.17 -3.77 -1.80
C ILE A 100 17.84 -3.90 -2.54
N LEU A 101 17.82 -3.50 -3.81
CA LEU A 101 16.59 -3.58 -4.57
C LEU A 101 16.01 -4.98 -4.64
N LEU A 102 16.87 -5.97 -4.79
CA LEU A 102 16.43 -7.36 -4.87
C LEU A 102 16.10 -7.91 -3.51
N LYS A 103 16.93 -7.61 -2.52
CA LYS A 103 16.69 -8.14 -1.18
C LYS A 103 15.36 -7.63 -0.67
N SER A 104 15.00 -6.43 -1.08
CA SER A 104 13.76 -5.81 -0.69
C SER A 104 12.55 -6.21 -1.58
N GLY A 105 12.72 -6.23 -2.90
CA GLY A 105 11.62 -6.60 -3.78
C GLY A 105 11.36 -8.10 -3.79
N TRP A 106 12.34 -8.86 -3.30
CA TRP A 106 12.30 -10.32 -3.22
C TRP A 106 10.91 -10.97 -3.12
N ASN A 107 10.25 -10.89 -1.97
CA ASN A 107 8.96 -11.54 -1.86
C ASN A 107 7.90 -11.11 -2.87
N GLU A 108 7.64 -9.81 -2.96
CA GLU A 108 6.63 -9.35 -3.89
C GLU A 108 6.98 -9.77 -5.30
N LEU A 109 8.26 -9.85 -5.63
CA LEU A 109 8.64 -10.22 -6.99
C LEU A 109 8.35 -11.70 -7.25
N LEU A 110 8.76 -12.57 -6.33
CA LEU A 110 8.53 -14.00 -6.51
C LEU A 110 7.05 -14.30 -6.54
N ILE A 111 6.31 -13.62 -5.67
CA ILE A 111 4.88 -13.82 -5.55
C ILE A 111 4.14 -13.47 -6.82
N ALA A 112 4.36 -12.26 -7.31
CA ALA A 112 3.70 -11.80 -8.53
C ALA A 112 4.01 -12.77 -9.68
N GLY A 113 5.25 -13.24 -9.71
CA GLY A 113 5.69 -14.16 -10.74
C GLY A 113 4.95 -15.48 -10.72
N PHE A 114 5.05 -16.25 -9.63
CA PHE A 114 4.34 -17.51 -9.60
C PHE A 114 2.84 -17.36 -9.58
N SER A 115 2.35 -16.14 -9.31
CA SER A 115 0.92 -15.83 -9.28
C SER A 115 0.36 -15.83 -10.70
N HIS A 116 1.03 -15.09 -11.56
CA HIS A 116 0.64 -14.98 -12.95
C HIS A 116 0.83 -16.29 -13.67
N ARG A 117 1.94 -16.98 -13.41
CA ARG A 117 2.26 -18.27 -14.02
C ARG A 117 1.25 -19.34 -13.65
N SER A 118 0.51 -19.13 -12.57
CA SER A 118 -0.44 -20.17 -12.21
C SER A 118 -1.87 -19.77 -12.47
N MET A 119 -2.11 -19.03 -13.55
CA MET A 119 -3.46 -18.57 -13.88
C MET A 119 -4.28 -19.71 -14.42
N SER A 120 -3.62 -20.56 -15.18
CA SER A 120 -4.27 -21.71 -15.79
C SER A 120 -4.44 -22.84 -14.79
N VAL A 121 -3.48 -23.02 -13.90
CA VAL A 121 -3.57 -24.07 -12.89
C VAL A 121 -4.87 -23.91 -12.10
N LYS A 122 -5.55 -25.02 -11.82
CA LYS A 122 -6.79 -24.97 -11.07
C LYS A 122 -6.48 -25.21 -9.59
N ASP A 123 -7.05 -24.38 -8.72
CA ASP A 123 -6.83 -24.48 -7.28
C ASP A 123 -5.39 -24.73 -6.85
N GLY A 124 -4.48 -23.86 -7.28
CA GLY A 124 -3.10 -24.01 -6.91
C GLY A 124 -2.18 -22.94 -7.44
N ILE A 125 -0.93 -23.08 -7.03
CA ILE A 125 0.18 -22.19 -7.37
C ILE A 125 1.26 -23.05 -8.05
N MET A 126 1.68 -22.70 -9.26
CA MET A 126 2.73 -23.47 -9.91
C MET A 126 4.09 -22.88 -9.52
N LEU A 127 5.16 -23.66 -9.59
CA LEU A 127 6.48 -23.15 -9.20
C LEU A 127 7.60 -23.76 -10.04
N ALA A 128 8.32 -22.93 -10.79
CA ALA A 128 9.42 -23.43 -11.63
C ALA A 128 9.04 -24.72 -12.37
N THR A 129 8.11 -24.54 -13.33
CA THR A 129 7.56 -25.59 -14.19
C THR A 129 7.05 -26.78 -13.42
N GLY A 130 5.81 -27.18 -13.72
CA GLY A 130 5.25 -28.29 -13.02
C GLY A 130 5.34 -27.93 -11.55
N LEU A 131 5.13 -28.91 -10.69
CA LEU A 131 5.14 -28.69 -9.26
C LEU A 131 4.03 -27.71 -8.90
N VAL A 132 2.80 -28.16 -9.06
CA VAL A 132 1.66 -27.35 -8.73
C VAL A 132 1.29 -27.62 -7.29
N VAL A 133 1.72 -26.73 -6.42
CA VAL A 133 1.44 -26.83 -5.00
C VAL A 133 -0.07 -26.69 -4.77
N HIS A 134 -0.65 -27.57 -3.95
CA HIS A 134 -2.08 -27.43 -3.62
C HIS A 134 -2.16 -27.03 -2.18
N ARG A 135 -3.31 -26.49 -1.80
CA ARG A 135 -3.46 -26.04 -0.43
C ARG A 135 -3.05 -27.08 0.59
N ASN A 136 -3.28 -28.34 0.26
CA ASN A 136 -2.96 -29.44 1.17
C ASN A 136 -1.47 -29.60 1.48
N CYS A 137 -0.64 -28.69 1.02
CA CYS A 137 0.79 -28.77 1.31
C CYS A 137 1.46 -27.47 0.88
N ALA A 138 0.75 -26.39 1.11
CA ALA A 138 1.26 -25.07 0.81
C ALA A 138 2.37 -24.88 1.85
N HIS A 139 2.16 -25.43 3.05
CA HIS A 139 3.13 -25.34 4.14
C HIS A 139 4.45 -26.01 3.73
N GLN A 140 4.37 -27.19 3.11
CA GLN A 140 5.58 -27.86 2.65
C GLN A 140 6.30 -26.88 1.72
N ALA A 141 5.61 -26.54 0.61
CA ALA A 141 6.12 -25.63 -0.42
C ALA A 141 6.80 -24.34 0.10
N GLY A 142 6.25 -23.74 1.13
CA GLY A 142 6.84 -22.53 1.65
C GLY A 142 6.01 -21.33 1.34
N VAL A 143 4.78 -21.59 0.94
CA VAL A 143 3.84 -20.53 0.62
C VAL A 143 2.63 -20.71 1.51
N GLY A 144 2.90 -21.08 2.75
CA GLY A 144 1.82 -21.32 3.68
C GLY A 144 1.14 -20.07 4.15
N ALA A 145 1.89 -19.01 4.35
CA ALA A 145 1.30 -17.77 4.86
C ALA A 145 0.51 -16.98 3.84
N ILE A 146 0.70 -17.28 2.56
CA ILE A 146 0.06 -16.52 1.50
C ILE A 146 -0.87 -17.26 0.54
N PHE A 147 -0.76 -18.58 0.48
CA PHE A 147 -1.58 -19.38 -0.43
C PHE A 147 -3.01 -18.92 -0.80
N ASP A 148 -3.92 -18.84 0.17
CA ASP A 148 -5.30 -18.40 -0.09
C ASP A 148 -5.42 -17.05 -0.80
N ARG A 149 -4.88 -16.01 -0.20
CA ARG A 149 -4.91 -14.66 -0.78
C ARG A 149 -4.22 -14.65 -2.16
N VAL A 150 -3.13 -15.38 -2.34
CA VAL A 150 -2.49 -15.38 -3.66
C VAL A 150 -3.52 -15.79 -4.71
N LEU A 151 -4.21 -16.90 -4.50
CA LEU A 151 -5.20 -17.34 -5.48
C LEU A 151 -6.34 -16.35 -5.73
N THR A 152 -6.85 -15.72 -4.68
CA THR A 152 -7.99 -14.82 -4.84
C THR A 152 -7.76 -13.37 -5.16
N GLU A 153 -6.70 -12.78 -4.60
CA GLU A 153 -6.35 -11.38 -4.83
C GLU A 153 -5.40 -11.16 -6.02
N LEU A 154 -4.70 -12.21 -6.45
CA LEU A 154 -3.80 -12.09 -7.57
C LEU A 154 -4.15 -13.06 -8.68
N VAL A 155 -4.06 -14.34 -8.41
CA VAL A 155 -4.36 -15.29 -9.46
C VAL A 155 -5.72 -15.05 -10.09
N ALA A 156 -6.78 -15.01 -9.28
CA ALA A 156 -8.13 -14.78 -9.81
C ALA A 156 -8.24 -13.45 -10.55
N LYS A 157 -7.85 -12.36 -9.90
CA LYS A 157 -7.93 -11.06 -10.53
C LYS A 157 -7.09 -10.99 -11.83
N MET A 158 -6.00 -11.76 -11.86
CA MET A 158 -5.11 -11.78 -13.03
C MET A 158 -5.78 -12.41 -14.22
N ARG A 159 -6.39 -13.54 -13.93
CA ARG A 159 -7.12 -14.32 -14.90
C ARG A 159 -8.33 -13.51 -15.34
N GLU A 160 -9.07 -12.96 -14.38
CA GLU A 160 -10.24 -12.15 -14.73
C GLU A 160 -9.96 -11.05 -15.77
N MET A 161 -8.84 -10.35 -15.66
CA MET A 161 -8.51 -9.29 -16.60
C MET A 161 -7.61 -9.77 -17.71
N LYS A 162 -7.23 -11.03 -17.68
CA LYS A 162 -6.38 -11.54 -18.72
C LYS A 162 -5.11 -10.69 -18.82
N MET A 163 -4.43 -10.52 -17.70
CA MET A 163 -3.20 -9.74 -17.63
C MET A 163 -2.10 -10.50 -18.36
N ASP A 164 -1.54 -9.91 -19.42
CA ASP A 164 -0.50 -10.60 -20.18
C ASP A 164 0.92 -10.48 -19.60
N LYS A 165 1.84 -11.21 -20.22
CA LYS A 165 3.26 -11.26 -19.84
C LYS A 165 3.95 -9.88 -19.88
N THR A 166 3.60 -9.04 -20.84
CA THR A 166 4.21 -7.73 -20.97
C THR A 166 3.87 -6.91 -19.74
N GLU A 167 2.59 -6.90 -19.44
CA GLU A 167 2.07 -6.17 -18.29
C GLU A 167 2.72 -6.68 -17.01
N LEU A 168 2.76 -8.00 -16.86
CA LEU A 168 3.36 -8.59 -15.69
C LEU A 168 4.75 -8.08 -15.52
N GLY A 169 5.59 -8.29 -16.54
CA GLY A 169 6.97 -7.82 -16.48
C GLY A 169 7.06 -6.37 -16.08
N CYS A 170 6.15 -5.56 -16.60
CA CYS A 170 6.09 -4.14 -16.28
C CYS A 170 5.86 -3.89 -14.81
N LEU A 171 4.83 -4.52 -14.26
CA LEU A 171 4.54 -4.32 -12.86
C LEU A 171 5.71 -4.83 -12.01
N ARG A 172 6.23 -6.00 -12.37
CA ARG A 172 7.34 -6.56 -11.62
C ARG A 172 8.52 -5.59 -11.55
N SER A 173 8.70 -4.83 -12.62
CA SER A 173 9.77 -3.86 -12.71
C SER A 173 9.49 -2.63 -11.88
N ILE A 174 8.22 -2.26 -11.80
CA ILE A 174 7.82 -1.12 -10.97
C ILE A 174 8.14 -1.54 -9.52
N VAL A 175 8.01 -2.83 -9.25
CA VAL A 175 8.30 -3.38 -7.94
C VAL A 175 9.81 -3.39 -7.72
N LEU A 176 10.58 -3.87 -8.70
CA LEU A 176 12.04 -3.91 -8.56
C LEU A 176 12.66 -2.52 -8.40
N PHE A 177 12.16 -1.56 -9.19
CA PHE A 177 12.68 -0.19 -9.16
C PHE A 177 11.92 0.64 -8.18
N ASN A 178 12.10 0.29 -6.91
CA ASN A 178 11.48 0.96 -5.78
C ASN A 178 12.47 1.87 -5.05
N PRO A 179 12.28 3.19 -5.18
CA PRO A 179 13.14 4.20 -4.55
C PRO A 179 13.04 4.28 -3.04
N GLU A 180 11.91 3.82 -2.49
CA GLU A 180 11.75 3.87 -1.05
C GLU A 180 12.41 2.61 -0.48
N ALA A 181 13.16 1.88 -1.30
CA ALA A 181 13.83 0.69 -0.78
C ALA A 181 14.75 1.21 0.33
N LYS A 182 14.86 0.42 1.38
CA LYS A 182 15.66 0.75 2.56
C LYS A 182 17.15 0.85 2.30
N GLY A 183 17.72 2.02 2.56
CA GLY A 183 19.15 2.20 2.36
C GLY A 183 19.63 2.34 0.93
N LEU A 184 18.70 2.31 -0.01
CA LEU A 184 19.03 2.46 -1.42
C LEU A 184 19.82 3.77 -1.52
N LYS A 185 20.91 3.76 -2.26
CA LYS A 185 21.70 4.96 -2.39
C LYS A 185 21.22 5.80 -3.56
N SER A 186 21.15 5.19 -4.74
CA SER A 186 20.74 5.90 -5.95
C SER A 186 19.24 6.03 -6.05
N THR A 187 18.61 6.64 -5.05
CA THR A 187 17.17 6.78 -5.07
C THR A 187 16.67 7.56 -6.27
N GLN A 188 17.30 8.69 -6.58
CA GLN A 188 16.85 9.48 -7.70
C GLN A 188 16.94 8.69 -9.02
N GLN A 189 18.03 7.96 -9.21
CA GLN A 189 18.16 7.18 -10.43
C GLN A 189 17.00 6.18 -10.55
N VAL A 190 16.96 5.25 -9.58
CA VAL A 190 15.92 4.22 -9.48
C VAL A 190 14.50 4.76 -9.72
N GLU A 191 14.26 5.98 -9.26
CA GLU A 191 12.96 6.59 -9.46
C GLU A 191 12.73 6.87 -10.94
N ASN A 192 13.71 7.47 -11.62
CA ASN A 192 13.56 7.79 -13.04
C ASN A 192 13.28 6.53 -13.82
N LEU A 193 13.92 5.44 -13.40
CA LEU A 193 13.71 4.15 -14.04
C LEU A 193 12.28 3.67 -13.83
N ARG A 194 11.78 3.79 -12.62
CA ARG A 194 10.41 3.37 -12.33
C ARG A 194 9.43 4.13 -13.20
N GLU A 195 9.70 5.43 -13.34
CA GLU A 195 8.85 6.31 -14.11
C GLU A 195 8.81 6.00 -15.60
N LYS A 196 9.87 5.40 -16.14
CA LYS A 196 9.90 5.00 -17.56
C LYS A 196 8.85 3.89 -17.70
N VAL A 197 8.97 2.86 -16.86
CA VAL A 197 8.03 1.75 -16.85
C VAL A 197 6.56 2.26 -16.82
N TYR A 198 6.30 3.32 -16.07
CA TYR A 198 4.94 3.85 -16.00
C TYR A 198 4.50 4.29 -17.38
N ALA A 199 5.42 4.97 -18.06
CA ALA A 199 5.16 5.50 -19.40
C ALA A 199 4.97 4.39 -20.37
N ILE A 200 5.95 3.49 -20.39
CA ILE A 200 5.92 2.35 -21.30
C ILE A 200 4.63 1.55 -21.13
N LEU A 201 4.34 1.17 -19.90
CA LEU A 201 3.14 0.42 -19.57
C LEU A 201 1.85 1.13 -19.93
N GLU A 202 1.79 2.45 -19.71
CA GLU A 202 0.59 3.20 -20.03
C GLU A 202 0.37 3.13 -21.54
N GLU A 203 1.41 3.45 -22.29
CA GLU A 203 1.32 3.42 -23.74
C GLU A 203 1.02 2.02 -24.26
N TYR A 204 1.62 1.00 -23.65
CA TYR A 204 1.39 -0.38 -24.08
C TYR A 204 -0.06 -0.82 -24.00
N CYS A 205 -0.72 -0.42 -22.91
CA CYS A 205 -2.13 -0.75 -22.70
C CYS A 205 -2.96 -0.02 -23.72
N ARG A 206 -2.72 1.28 -23.81
CA ARG A 206 -3.42 2.14 -24.75
C ARG A 206 -3.36 1.56 -26.16
N GLN A 207 -2.16 1.13 -26.57
CA GLN A 207 -1.98 0.56 -27.91
C GLN A 207 -2.61 -0.81 -28.07
N THR A 208 -2.32 -1.71 -27.12
CA THR A 208 -2.81 -3.08 -27.15
C THR A 208 -4.30 -3.25 -26.86
N TYR A 209 -4.79 -2.63 -25.78
CA TYR A 209 -6.21 -2.73 -25.40
C TYR A 209 -6.78 -1.33 -25.37
N PRO A 210 -7.11 -0.79 -26.54
CA PRO A 210 -7.65 0.56 -26.67
C PRO A 210 -9.05 0.74 -26.09
N ASP A 211 -9.86 -0.31 -26.12
CA ASP A 211 -11.21 -0.21 -25.62
C ASP A 211 -11.32 -0.46 -24.13
N GLN A 212 -10.21 -0.34 -23.42
CA GLN A 212 -10.23 -0.54 -21.98
C GLN A 212 -9.60 0.65 -21.33
N SER A 213 -10.39 1.69 -21.12
CA SER A 213 -9.87 2.94 -20.54
C SER A 213 -9.31 2.82 -19.14
N GLY A 214 -9.73 1.81 -18.39
CA GLY A 214 -9.22 1.68 -17.04
C GLY A 214 -8.16 0.65 -16.81
N ARG A 215 -7.81 -0.10 -17.84
CA ARG A 215 -6.82 -1.14 -17.69
C ARG A 215 -5.53 -0.71 -16.98
N PHE A 216 -4.91 0.37 -17.45
CA PHE A 216 -3.66 0.82 -16.83
C PHE A 216 -3.80 0.92 -15.31
N ALA A 217 -4.76 1.70 -14.84
CA ALA A 217 -4.92 1.80 -13.39
C ALA A 217 -5.34 0.44 -12.80
N LYS A 218 -6.12 -0.34 -13.55
CA LYS A 218 -6.54 -1.62 -13.02
C LYS A 218 -5.32 -2.49 -12.68
N LEU A 219 -4.36 -2.52 -13.60
CA LEU A 219 -3.12 -3.27 -13.43
C LEU A 219 -2.29 -2.68 -12.31
N LEU A 220 -2.23 -1.36 -12.27
CA LEU A 220 -1.45 -0.67 -11.26
C LEU A 220 -1.98 -0.91 -9.85
N LEU A 221 -3.28 -1.12 -9.75
CA LEU A 221 -3.91 -1.34 -8.45
C LEU A 221 -3.84 -2.77 -7.88
N ARG A 222 -3.04 -3.64 -8.47
CA ARG A 222 -2.87 -4.96 -7.89
C ARG A 222 -1.53 -4.89 -7.17
N LEU A 223 -0.90 -3.73 -7.25
CA LEU A 223 0.39 -3.53 -6.61
C LEU A 223 0.25 -3.48 -5.10
N PRO A 224 -0.78 -2.80 -4.61
CA PRO A 224 -1.01 -2.72 -3.17
C PRO A 224 -1.35 -4.15 -2.74
N ALA A 225 -2.35 -4.75 -3.37
CA ALA A 225 -2.75 -6.11 -3.06
C ALA A 225 -1.55 -7.03 -2.87
N LEU A 226 -0.58 -6.90 -3.77
CA LEU A 226 0.65 -7.69 -3.79
C LEU A 226 1.50 -7.35 -2.60
N ARG A 227 1.49 -6.08 -2.26
CA ARG A 227 2.25 -5.60 -1.12
C ARG A 227 1.74 -6.30 0.11
N SER A 228 0.44 -6.17 0.36
CA SER A 228 -0.19 -6.79 1.50
C SER A 228 0.16 -8.27 1.68
N ILE A 229 0.11 -9.03 0.58
CA ILE A 229 0.43 -10.45 0.63
C ILE A 229 1.91 -10.56 0.97
N GLY A 230 2.69 -9.57 0.56
CA GLY A 230 4.11 -9.62 0.85
C GLY A 230 4.37 -9.48 2.34
N LEU A 231 3.64 -8.56 2.98
CA LEU A 231 3.82 -8.32 4.42
C LEU A 231 3.48 -9.55 5.25
N LYS A 232 2.73 -10.51 4.70
CA LYS A 232 2.38 -11.71 5.46
C LYS A 232 3.51 -12.74 5.53
N CYS A 233 4.59 -12.53 4.76
CA CYS A 233 5.73 -13.42 4.74
C CYS A 233 6.72 -13.01 5.82
N LEU A 234 6.85 -13.81 6.87
CA LEU A 234 7.79 -13.46 7.94
C LEU A 234 9.22 -13.91 7.63
N GLU A 235 9.57 -13.86 6.35
CA GLU A 235 10.87 -14.32 5.87
C GLU A 235 10.97 -14.07 4.37
N HIS A 236 12.13 -14.31 3.77
CA HIS A 236 12.25 -14.14 2.33
C HIS A 236 11.91 -15.50 1.73
N LEU A 237 10.77 -15.60 1.06
CA LEU A 237 10.34 -16.86 0.47
C LEU A 237 11.45 -17.76 -0.11
N PHE A 238 11.32 -19.06 0.16
CA PHE A 238 12.22 -20.14 -0.28
C PHE A 238 13.69 -20.04 0.14
N PHE A 239 14.05 -18.98 0.85
CA PHE A 239 15.44 -18.81 1.25
C PHE A 239 16.08 -19.92 2.08
N PHE A 240 15.37 -20.49 3.04
CA PHE A 240 16.01 -21.52 3.83
C PHE A 240 15.97 -22.90 3.16
N LYS A 241 15.39 -22.96 1.96
CA LYS A 241 15.32 -24.21 1.21
C LYS A 241 16.48 -24.20 0.24
N LEU A 242 17.15 -23.05 0.17
CA LEU A 242 18.29 -22.88 -0.74
C LEU A 242 19.45 -23.71 -0.25
N VAL A 243 20.18 -24.27 -1.21
CA VAL A 243 21.32 -25.12 -0.91
C VAL A 243 22.36 -24.46 -0.03
N GLY A 244 22.85 -23.29 -0.44
CA GLY A 244 23.85 -22.61 0.37
C GLY A 244 23.32 -22.10 1.70
N ASN A 245 24.23 -21.91 2.66
CA ASN A 245 23.84 -21.41 3.98
C ASN A 245 24.60 -20.13 4.36
N THR A 246 24.32 -19.06 3.62
CA THR A 246 24.96 -17.77 3.84
C THR A 246 23.93 -16.76 4.31
N SER A 247 24.18 -15.47 4.05
CA SER A 247 23.24 -14.43 4.44
C SER A 247 22.56 -14.00 3.16
N ILE A 248 21.33 -13.49 3.24
CA ILE A 248 20.61 -13.08 2.04
C ILE A 248 21.55 -12.27 1.16
N ASP A 249 22.22 -11.28 1.75
CA ASP A 249 23.13 -10.40 1.00
C ASP A 249 24.29 -11.11 0.36
N SER A 250 24.92 -12.03 1.08
CA SER A 250 26.03 -12.74 0.49
C SER A 250 25.56 -13.59 -0.69
N PHE A 251 24.37 -14.19 -0.56
CA PHE A 251 23.77 -15.03 -1.60
C PHE A 251 23.45 -14.19 -2.83
N LEU A 252 22.80 -13.05 -2.61
CA LEU A 252 22.44 -12.15 -3.68
C LEU A 252 23.67 -11.64 -4.41
N LEU A 253 24.58 -11.07 -3.64
CA LEU A 253 25.80 -10.52 -4.20
C LEU A 253 26.54 -11.51 -5.09
N SER A 254 26.78 -12.71 -4.59
CA SER A 254 27.50 -13.70 -5.38
C SER A 254 26.68 -14.23 -6.57
N MET A 255 25.37 -14.25 -6.41
CA MET A 255 24.51 -14.73 -7.46
C MET A 255 24.47 -13.68 -8.56
N LEU A 256 24.63 -12.41 -8.17
CA LEU A 256 24.61 -11.31 -9.11
C LEU A 256 25.81 -11.36 -10.03
N GLU A 257 26.98 -11.65 -9.46
CA GLU A 257 28.24 -11.76 -10.20
C GLU A 257 28.37 -13.21 -10.69
N SER A 258 28.00 -13.46 -11.94
CA SER A 258 28.04 -14.83 -12.48
C SER A 258 27.98 -14.90 -14.00
N PRO B 73 -9.30 13.79 -23.88
CA PRO B 73 -9.37 14.49 -22.58
C PRO B 73 -10.77 15.00 -22.16
N ILE B 74 -10.77 16.00 -21.26
CA ILE B 74 -11.93 16.73 -20.67
C ILE B 74 -12.86 16.09 -19.60
N THR B 75 -12.92 16.72 -18.42
CA THR B 75 -13.73 16.28 -17.28
C THR B 75 -15.23 16.51 -17.54
N PRO B 76 -16.11 15.51 -17.30
CA PRO B 76 -17.57 15.68 -17.50
C PRO B 76 -18.25 16.10 -16.20
N GLU B 77 -19.11 15.19 -15.71
CA GLU B 77 -19.92 15.35 -14.49
C GLU B 77 -19.31 14.57 -13.35
N GLN B 78 -18.00 14.61 -13.41
CA GLN B 78 -17.10 14.04 -12.47
C GLN B 78 -16.78 15.33 -11.76
N GLU B 79 -16.96 16.41 -12.50
CA GLU B 79 -16.74 17.74 -11.99
C GLU B 79 -17.65 17.92 -10.78
N GLU B 80 -18.88 17.41 -10.88
CA GLU B 80 -19.80 17.52 -9.76
C GLU B 80 -19.31 16.61 -8.67
N LEU B 81 -18.89 15.41 -9.07
CA LEU B 81 -18.38 14.43 -8.12
C LEU B 81 -17.18 14.98 -7.30
N ILE B 82 -16.28 15.67 -8.00
CA ILE B 82 -15.11 16.24 -7.38
C ILE B 82 -15.49 17.37 -6.42
N HIS B 83 -16.44 18.23 -6.81
CA HIS B 83 -16.80 19.29 -5.89
C HIS B 83 -17.29 18.69 -4.56
N ARG B 84 -18.10 17.65 -4.69
CA ARG B 84 -18.64 16.98 -3.52
C ARG B 84 -17.56 16.43 -2.60
N LEU B 85 -16.63 15.65 -3.14
CA LEU B 85 -15.61 15.09 -2.29
C LEU B 85 -14.74 16.18 -1.72
N VAL B 86 -14.37 17.15 -2.54
CA VAL B 86 -13.52 18.22 -2.05
C VAL B 86 -14.22 19.01 -0.96
N TYR B 87 -15.55 19.06 -1.04
CA TYR B 87 -16.39 19.77 -0.05
C TYR B 87 -16.41 19.01 1.27
N PHE B 88 -16.81 17.74 1.21
CA PHE B 88 -16.88 16.86 2.38
C PHE B 88 -15.54 16.62 3.02
N GLN B 89 -14.48 16.68 2.23
CA GLN B 89 -13.15 16.49 2.75
C GLN B 89 -12.95 17.63 3.73
N ASN B 90 -13.10 18.83 3.19
CA ASN B 90 -12.98 20.07 3.93
C ASN B 90 -13.90 19.98 5.15
N GLU B 91 -15.18 19.68 4.93
CA GLU B 91 -16.11 19.61 6.04
C GLU B 91 -15.74 18.68 7.18
N TYR B 92 -15.35 17.45 6.88
CA TYR B 92 -14.99 16.51 7.95
C TYR B 92 -13.51 16.45 8.32
N GLU B 93 -12.78 17.53 8.07
CA GLU B 93 -11.36 17.55 8.38
C GLU B 93 -10.98 17.70 9.84
N HIS B 94 -11.71 18.54 10.57
CA HIS B 94 -11.39 18.81 11.97
C HIS B 94 -12.47 18.37 12.92
N PRO B 95 -12.09 17.83 14.08
CA PRO B 95 -13.08 17.40 15.06
C PRO B 95 -13.66 18.64 15.74
N SER B 96 -14.90 18.52 16.22
CA SER B 96 -15.57 19.66 16.86
C SER B 96 -14.79 20.18 18.04
N PRO B 97 -14.62 21.51 18.12
CA PRO B 97 -13.87 22.04 19.25
C PRO B 97 -14.39 21.63 20.64
N GLU B 98 -15.59 21.06 20.72
CA GLU B 98 -16.13 20.63 22.01
C GLU B 98 -15.48 19.32 22.42
N ASP B 99 -15.27 18.46 21.42
CA ASP B 99 -14.64 17.15 21.60
C ASP B 99 -13.16 17.27 21.92
N ILE B 100 -12.53 18.28 21.33
CA ILE B 100 -11.11 18.55 21.57
C ILE B 100 -11.02 19.18 22.96
N LYS B 101 -12.11 19.84 23.38
CA LYS B 101 -12.18 20.44 24.71
C LYS B 101 -12.15 19.27 25.68
N ARG B 102 -13.16 18.40 25.62
CA ARG B 102 -13.22 17.23 26.49
C ARG B 102 -11.87 16.57 26.68
N ILE B 103 -11.08 16.49 25.61
CA ILE B 103 -9.78 15.86 25.70
C ILE B 103 -8.82 16.62 26.60
N VAL B 104 -8.74 17.94 26.44
CA VAL B 104 -7.82 18.71 27.29
C VAL B 104 -8.25 18.76 28.77
N ASN B 105 -9.55 18.90 29.00
CA ASN B 105 -10.07 18.94 30.35
C ASN B 105 -10.31 17.52 30.77
N ALA B 106 -9.25 16.73 30.77
CA ALA B 106 -9.36 15.33 31.16
C ALA B 106 -8.07 14.95 31.87
N ALA B 107 -7.08 15.83 31.75
CA ALA B 107 -5.77 15.60 32.38
C ALA B 107 -5.96 15.08 33.81
N PRO B 108 -5.36 13.92 34.14
CA PRO B 108 -5.48 13.37 35.49
C PRO B 108 -4.70 14.20 36.51
N GLU B 109 -4.64 13.69 37.73
CA GLU B 109 -3.92 14.35 38.81
C GLU B 109 -2.45 14.41 38.42
N GLU B 110 -1.98 15.59 38.03
CA GLU B 110 -0.59 15.77 37.60
C GLU B 110 -0.22 14.71 36.56
N GLU B 111 -0.69 14.92 35.33
CA GLU B 111 -0.46 14.01 34.24
C GLU B 111 1.01 13.72 34.00
N ASN B 112 1.28 12.44 33.72
CA ASN B 112 2.62 11.91 33.48
C ASN B 112 3.56 12.74 32.60
N VAL B 113 3.05 13.87 32.08
CA VAL B 113 3.80 14.81 31.24
C VAL B 113 4.17 14.25 29.86
N ALA B 114 4.24 12.93 29.79
CA ALA B 114 4.55 12.20 28.57
C ALA B 114 3.25 11.49 28.27
N GLU B 115 2.32 11.62 29.20
CA GLU B 115 1.02 11.02 29.04
C GLU B 115 0.07 12.01 28.41
N GLU B 116 0.33 13.30 28.66
CA GLU B 116 -0.51 14.34 28.09
C GLU B 116 -0.05 14.51 26.64
N ARG B 117 0.70 13.53 26.17
CA ARG B 117 1.18 13.52 24.79
C ARG B 117 0.58 12.25 24.22
N PHE B 118 0.71 11.17 24.97
CA PHE B 118 0.19 9.89 24.52
C PHE B 118 -1.35 9.86 24.50
N ARG B 119 -1.95 10.40 25.56
CA ARG B 119 -3.41 10.41 25.66
C ARG B 119 -3.98 11.23 24.53
N HIS B 120 -3.31 12.32 24.16
CA HIS B 120 -3.78 13.16 23.07
C HIS B 120 -3.75 12.36 21.77
N ILE B 121 -2.63 11.67 21.53
CA ILE B 121 -2.47 10.85 20.35
C ILE B 121 -3.57 9.80 20.20
N THR B 122 -3.87 9.08 21.26
CA THR B 122 -4.89 8.05 21.16
C THR B 122 -6.35 8.54 21.31
N GLU B 123 -6.56 9.59 22.09
CA GLU B 123 -7.90 10.11 22.30
C GLU B 123 -8.37 10.84 21.05
N ILE B 124 -7.53 11.75 20.56
CA ILE B 124 -7.88 12.51 19.36
C ILE B 124 -8.10 11.57 18.16
N THR B 125 -7.37 10.45 18.12
CA THR B 125 -7.46 9.50 17.02
C THR B 125 -8.82 8.82 16.96
N ILE B 126 -9.54 8.85 18.08
CA ILE B 126 -10.87 8.27 18.10
C ILE B 126 -11.69 9.19 17.20
N LEU B 127 -11.50 10.48 17.40
CA LEU B 127 -12.16 11.52 16.61
C LEU B 127 -11.83 11.40 15.13
N THR B 128 -10.57 11.06 14.83
CA THR B 128 -10.10 10.92 13.45
C THR B 128 -10.83 9.78 12.75
N VAL B 129 -10.92 8.63 13.40
CA VAL B 129 -11.60 7.51 12.78
C VAL B 129 -13.07 7.82 12.59
N GLN B 130 -13.65 8.57 13.50
CA GLN B 130 -15.04 8.93 13.40
C GLN B 130 -15.27 9.83 12.19
N LEU B 131 -14.44 10.86 12.07
CA LEU B 131 -14.50 11.79 10.95
C LEU B 131 -14.33 11.01 9.64
N ILE B 132 -13.49 9.97 9.66
CA ILE B 132 -13.28 9.14 8.49
C ILE B 132 -14.59 8.43 8.15
N VAL B 133 -15.28 7.91 9.17
CA VAL B 133 -16.53 7.23 8.91
C VAL B 133 -17.55 8.23 8.40
N GLU B 134 -17.51 9.45 8.95
CA GLU B 134 -18.43 10.50 8.58
C GLU B 134 -18.37 10.82 7.11
N PHE B 135 -17.14 10.97 6.62
CA PHE B 135 -16.89 11.26 5.22
C PHE B 135 -17.22 10.05 4.35
N SER B 136 -16.82 8.85 4.76
CA SER B 136 -17.09 7.66 3.96
C SER B 136 -18.55 7.46 3.62
N LYS B 137 -19.45 7.90 4.49
CA LYS B 137 -20.86 7.72 4.25
C LYS B 137 -21.48 8.68 3.25
N ARG B 138 -20.89 9.86 3.11
CA ARG B 138 -21.43 10.84 2.18
C ARG B 138 -20.94 10.56 0.77
N LEU B 139 -20.19 9.47 0.61
CA LEU B 139 -19.63 9.07 -0.68
C LEU B 139 -20.61 8.29 -1.54
N PRO B 140 -20.89 8.81 -2.75
CA PRO B 140 -21.80 8.23 -3.74
C PRO B 140 -21.51 6.74 -3.96
N GLY B 141 -22.49 5.88 -3.74
CA GLY B 141 -22.24 4.47 -3.93
C GLY B 141 -22.14 3.71 -2.63
N PHE B 142 -21.77 4.38 -1.56
CA PHE B 142 -21.65 3.70 -0.26
C PHE B 142 -22.99 3.12 0.19
N ASP B 143 -24.07 3.78 -0.19
CA ASP B 143 -25.40 3.35 0.17
C ASP B 143 -25.85 2.17 -0.71
N LYS B 144 -25.23 2.01 -1.86
CA LYS B 144 -25.62 0.91 -2.72
C LYS B 144 -25.09 -0.44 -2.16
N LEU B 145 -24.36 -0.39 -1.05
CA LEU B 145 -23.77 -1.58 -0.42
C LEU B 145 -24.54 -2.07 0.79
N ILE B 146 -24.38 -3.35 1.10
CA ILE B 146 -25.07 -3.92 2.26
C ILE B 146 -24.34 -3.55 3.58
N ARG B 147 -25.08 -3.42 4.69
CA ARG B 147 -24.47 -3.05 5.97
C ARG B 147 -23.21 -3.85 6.27
N GLU B 148 -23.25 -5.13 5.94
CA GLU B 148 -22.14 -6.04 6.16
C GLU B 148 -20.89 -5.49 5.47
N ASP B 149 -21.02 -5.18 4.18
CA ASP B 149 -19.93 -4.65 3.38
C ASP B 149 -19.58 -3.22 3.74
N GLN B 150 -20.58 -2.41 4.09
CA GLN B 150 -20.29 -1.03 4.47
C GLN B 150 -19.36 -1.08 5.65
N ILE B 151 -19.72 -1.86 6.65
CA ILE B 151 -18.92 -1.97 7.86
C ILE B 151 -17.51 -2.53 7.62
N ALA B 152 -17.39 -3.45 6.69
CA ALA B 152 -16.09 -4.04 6.38
C ALA B 152 -15.16 -2.99 5.77
N LEU B 153 -15.66 -2.31 4.73
CA LEU B 153 -14.93 -1.28 4.00
C LEU B 153 -14.37 -0.21 4.92
N LEU B 154 -15.23 0.20 5.85
CA LEU B 154 -14.95 1.22 6.86
C LEU B 154 -13.79 0.81 7.72
N LYS B 155 -13.88 -0.38 8.32
CA LYS B 155 -12.82 -0.85 9.18
C LYS B 155 -11.51 -0.97 8.40
N ALA B 156 -11.57 -1.58 7.21
CA ALA B 156 -10.39 -1.79 6.39
C ALA B 156 -9.65 -0.52 5.99
N CYS B 157 -10.39 0.50 5.56
CA CYS B 157 -9.77 1.74 5.14
C CYS B 157 -9.33 2.65 6.27
N SER B 158 -9.96 2.57 7.44
CA SER B 158 -9.63 3.48 8.56
C SER B 158 -8.14 3.83 8.73
N SER B 159 -7.29 2.87 9.11
CA SER B 159 -5.85 3.12 9.29
C SER B 159 -5.12 3.60 8.04
N GLU B 160 -5.58 3.25 6.85
CA GLU B 160 -4.93 3.72 5.64
C GLU B 160 -5.30 5.17 5.38
N VAL B 161 -6.60 5.46 5.41
CA VAL B 161 -7.10 6.83 5.21
C VAL B 161 -6.56 7.79 6.29
N MET B 162 -6.36 7.28 7.49
CA MET B 162 -5.84 8.04 8.59
C MET B 162 -4.54 8.75 8.18
N MET B 163 -3.66 8.03 7.46
CA MET B 163 -2.37 8.57 7.00
C MET B 163 -2.50 9.78 6.05
N PHE B 164 -3.56 9.81 5.24
CA PHE B 164 -3.80 10.95 4.35
C PHE B 164 -4.18 12.16 5.21
N ARG B 165 -4.98 11.91 6.26
CA ARG B 165 -5.41 12.96 7.15
C ARG B 165 -4.21 13.58 7.86
N MET B 166 -3.36 12.71 8.40
CA MET B 166 -2.15 13.14 9.07
C MET B 166 -1.27 13.86 8.08
N ALA B 167 -1.04 13.26 6.93
CA ALA B 167 -0.19 13.93 5.97
C ALA B 167 -0.61 15.37 5.70
N ARG B 168 -1.91 15.64 5.69
CA ARG B 168 -2.42 16.99 5.39
C ARG B 168 -2.24 17.99 6.49
N ARG B 169 -1.73 17.55 7.63
CA ARG B 169 -1.51 18.46 8.75
C ARG B 169 -0.01 18.48 8.98
N TYR B 170 0.73 18.17 7.92
CA TYR B 170 2.16 18.14 8.01
C TYR B 170 2.75 19.47 7.71
N ASP B 171 3.63 19.92 8.59
CA ASP B 171 4.31 21.19 8.44
C ASP B 171 5.70 20.93 7.90
N ALA B 172 5.90 21.21 6.62
CA ALA B 172 7.20 20.98 6.03
C ALA B 172 8.32 21.67 6.81
N GLU B 173 8.13 22.94 7.14
CA GLU B 173 9.15 23.70 7.85
C GLU B 173 9.61 23.08 9.18
N THR B 174 8.70 22.99 10.14
CA THR B 174 8.96 22.44 11.46
C THR B 174 8.96 20.90 11.52
N ASP B 175 8.84 20.25 10.36
CA ASP B 175 8.79 18.79 10.26
C ASP B 175 7.91 18.21 11.40
N SER B 176 6.66 18.67 11.44
CA SER B 176 5.70 18.25 12.46
C SER B 176 4.28 18.01 11.92
N ILE B 177 3.40 17.52 12.78
CA ILE B 177 2.01 17.29 12.41
C ILE B 177 1.19 18.11 13.39
N LEU B 178 0.56 19.16 12.88
CA LEU B 178 -0.24 20.05 13.71
C LEU B 178 -1.54 19.41 14.12
N PHE B 179 -1.57 18.84 15.32
CA PHE B 179 -2.80 18.22 15.83
C PHE B 179 -3.95 19.24 15.84
N ALA B 180 -5.16 18.73 16.09
CA ALA B 180 -6.37 19.55 16.14
C ALA B 180 -6.44 20.38 17.43
N THR B 181 -5.41 20.25 18.26
CA THR B 181 -5.31 21.01 19.51
C THR B 181 -4.20 22.02 19.31
N ASN B 182 -3.98 22.41 18.06
CA ASN B 182 -2.95 23.39 17.76
C ASN B 182 -1.57 23.10 18.35
N GLN B 183 -1.36 21.87 18.79
CA GLN B 183 -0.08 21.46 19.34
C GLN B 183 0.76 20.82 18.20
N PRO B 184 1.97 21.32 17.97
CA PRO B 184 2.75 20.68 16.90
C PRO B 184 3.48 19.44 17.43
N TYR B 185 3.26 18.29 16.81
CA TYR B 185 3.93 17.07 17.26
C TYR B 185 5.14 16.79 16.38
N THR B 186 6.23 16.36 16.99
CA THR B 186 7.47 16.04 16.28
C THR B 186 7.97 14.65 16.63
N ARG B 187 9.14 14.28 16.10
CA ARG B 187 9.70 12.97 16.41
C ARG B 187 9.72 12.84 17.92
N GLU B 188 9.95 13.96 18.60
CA GLU B 188 10.00 13.94 20.06
C GLU B 188 8.63 13.60 20.59
N SER B 189 7.67 14.49 20.34
CA SER B 189 6.28 14.31 20.79
C SER B 189 5.91 12.83 20.83
N TYR B 190 5.98 12.19 19.67
CA TYR B 190 5.63 10.78 19.55
C TYR B 190 6.56 9.86 20.30
N THR B 191 7.86 10.19 20.32
CA THR B 191 8.81 9.35 21.02
C THR B 191 8.50 9.41 22.50
N VAL B 192 8.15 10.61 22.98
CA VAL B 192 7.80 10.82 24.38
C VAL B 192 6.58 10.01 24.80
N ALA B 193 5.61 9.89 23.90
CA ALA B 193 4.41 9.13 24.20
C ALA B 193 4.68 7.64 24.11
N GLY B 194 5.89 7.30 23.69
CA GLY B 194 6.25 5.91 23.53
C GLY B 194 6.01 5.36 22.14
N MET B 195 5.92 6.25 21.15
CA MET B 195 5.68 5.84 19.78
C MET B 195 6.88 6.21 18.88
N GLY B 196 8.07 6.25 19.50
CA GLY B 196 9.29 6.60 18.78
C GLY B 196 9.61 5.74 17.57
N ASP B 197 9.25 4.46 17.64
CA ASP B 197 9.48 3.48 16.57
C ASP B 197 8.92 3.94 15.24
N THR B 198 7.59 3.96 15.17
CA THR B 198 6.89 4.33 13.97
C THR B 198 6.98 5.81 13.56
N VAL B 199 7.14 6.71 14.53
CA VAL B 199 7.20 8.13 14.22
C VAL B 199 7.94 8.50 12.96
N GLU B 200 9.13 7.94 12.75
CA GLU B 200 9.87 8.32 11.56
C GLU B 200 9.19 7.94 10.27
N ASP B 201 8.70 6.70 10.18
CA ASP B 201 7.99 6.23 8.99
C ASP B 201 6.83 7.16 8.68
N LEU B 202 6.12 7.58 9.71
CA LEU B 202 5.00 8.48 9.55
C LEU B 202 5.48 9.80 8.97
N LEU B 203 6.46 10.40 9.61
CA LEU B 203 6.99 11.67 9.13
C LEU B 203 7.46 11.58 7.67
N ARG B 204 8.11 10.48 7.33
CA ARG B 204 8.62 10.28 5.99
C ARG B 204 7.48 10.32 4.98
N PHE B 205 6.38 9.64 5.31
CA PHE B 205 5.23 9.63 4.41
C PHE B 205 4.75 11.04 4.16
N CYS B 206 4.58 11.78 5.26
CA CYS B 206 4.13 13.17 5.21
C CYS B 206 5.03 13.94 4.27
N ARG B 207 6.34 13.74 4.39
CA ARG B 207 7.31 14.43 3.55
C ARG B 207 7.17 14.05 2.10
N HIS B 208 7.06 12.75 1.82
CA HIS B 208 6.92 12.28 0.44
C HIS B 208 5.65 12.84 -0.19
N MET B 209 4.58 12.95 0.60
CA MET B 209 3.32 13.48 0.07
C MET B 209 3.42 14.97 -0.24
N CYS B 210 4.04 15.71 0.67
CA CYS B 210 4.23 17.13 0.52
C CYS B 210 5.08 17.41 -0.73
N ALA B 211 6.01 16.49 -1.01
CA ALA B 211 6.91 16.58 -2.14
C ALA B 211 6.19 16.41 -3.46
N MET B 212 5.12 15.62 -3.44
CA MET B 212 4.30 15.38 -4.64
C MET B 212 3.30 16.50 -4.92
N LYS B 213 3.12 17.37 -3.93
CA LYS B 213 2.21 18.48 -4.08
C LYS B 213 0.82 17.94 -4.46
N VAL B 214 0.31 17.04 -3.63
CA VAL B 214 -1.00 16.42 -3.85
C VAL B 214 -2.05 17.45 -3.44
N ASP B 215 -2.94 17.84 -4.34
CA ASP B 215 -3.94 18.83 -3.95
C ASP B 215 -5.22 18.21 -3.40
N ASN B 216 -6.15 19.06 -2.99
CA ASN B 216 -7.41 18.58 -2.41
C ASN B 216 -8.20 17.58 -3.20
N ALA B 217 -8.44 17.89 -4.47
CA ALA B 217 -9.20 16.98 -5.33
C ALA B 217 -8.53 15.62 -5.38
N GLU B 218 -7.22 15.63 -5.65
CA GLU B 218 -6.45 14.40 -5.73
C GLU B 218 -6.49 13.70 -4.38
N TYR B 219 -6.34 14.47 -3.31
CA TYR B 219 -6.38 13.88 -2.00
C TYR B 219 -7.73 13.21 -1.83
N ALA B 220 -8.81 13.97 -1.96
CA ALA B 220 -10.13 13.39 -1.78
C ALA B 220 -10.36 12.17 -2.67
N LEU B 221 -10.22 12.33 -3.98
CA LEU B 221 -10.46 11.21 -4.89
C LEU B 221 -9.68 10.00 -4.47
N LEU B 222 -8.44 10.24 -4.07
CA LEU B 222 -7.56 9.16 -3.67
C LEU B 222 -8.11 8.44 -2.44
N THR B 223 -8.47 9.20 -1.40
CA THR B 223 -9.00 8.55 -0.21
C THR B 223 -10.26 7.75 -0.57
N ALA B 224 -11.04 8.23 -1.55
CA ALA B 224 -12.27 7.53 -1.95
C ALA B 224 -11.94 6.19 -2.64
N ILE B 225 -10.87 6.18 -3.44
CA ILE B 225 -10.43 4.96 -4.12
C ILE B 225 -10.02 3.91 -3.07
N VAL B 226 -9.48 4.39 -1.94
CA VAL B 226 -9.04 3.52 -0.84
C VAL B 226 -10.22 2.94 -0.12
N ILE B 227 -11.22 3.77 0.11
CA ILE B 227 -12.41 3.35 0.81
C ILE B 227 -13.15 2.25 0.05
N PHE B 228 -13.05 2.27 -1.28
CA PHE B 228 -13.71 1.29 -2.14
C PHE B 228 -12.76 0.25 -2.73
N SER B 229 -11.86 -0.24 -1.90
CA SER B 229 -10.91 -1.24 -2.33
C SER B 229 -11.44 -2.63 -2.03
N GLU B 230 -11.88 -3.34 -3.06
CA GLU B 230 -12.40 -4.69 -2.88
C GLU B 230 -11.42 -5.61 -2.19
N ARG B 231 -11.70 -5.86 -0.91
CA ARG B 231 -10.91 -6.74 -0.05
C ARG B 231 -11.62 -8.10 -0.12
N PRO B 232 -10.94 -9.19 0.30
CA PRO B 232 -11.56 -10.52 0.26
C PRO B 232 -12.62 -10.51 1.31
N SER B 233 -13.44 -11.55 1.40
CA SER B 233 -14.48 -11.57 2.45
C SER B 233 -15.65 -10.58 2.30
N LEU B 234 -15.47 -9.51 1.52
CA LEU B 234 -16.58 -8.60 1.29
C LEU B 234 -17.62 -9.50 0.62
N SER B 235 -18.90 -9.26 0.87
CA SER B 235 -19.93 -10.08 0.25
C SER B 235 -20.06 -9.80 -1.23
N GLU B 236 -20.28 -8.53 -1.59
CA GLU B 236 -20.42 -8.19 -2.99
C GLU B 236 -19.22 -7.43 -3.50
N GLY B 237 -18.06 -8.07 -3.46
CA GLY B 237 -16.86 -7.42 -3.94
C GLY B 237 -16.98 -6.75 -5.31
N TRP B 238 -17.54 -7.46 -6.28
CA TRP B 238 -17.71 -6.95 -7.64
C TRP B 238 -18.35 -5.57 -7.70
N LYS B 239 -19.25 -5.30 -6.75
CA LYS B 239 -19.95 -4.03 -6.70
C LYS B 239 -19.05 -2.90 -6.16
N VAL B 240 -18.27 -3.19 -5.11
CA VAL B 240 -17.36 -2.18 -4.55
C VAL B 240 -16.36 -1.86 -5.66
N GLU B 241 -15.96 -2.90 -6.38
CA GLU B 241 -15.00 -2.76 -7.48
C GLU B 241 -15.46 -1.77 -8.52
N LYS B 242 -16.70 -1.95 -8.96
CA LYS B 242 -17.33 -1.12 -9.97
C LYS B 242 -17.50 0.35 -9.55
N ILE B 243 -17.84 0.55 -8.28
CA ILE B 243 -18.03 1.89 -7.70
C ILE B 243 -16.69 2.61 -7.65
N GLN B 244 -15.67 1.88 -7.23
CA GLN B 244 -14.35 2.46 -7.17
C GLN B 244 -13.88 2.94 -8.55
N GLU B 245 -14.20 2.18 -9.60
CA GLU B 245 -13.79 2.56 -10.94
C GLU B 245 -14.20 4.00 -11.27
N ILE B 246 -15.36 4.42 -10.79
CA ILE B 246 -15.82 5.78 -11.04
C ILE B 246 -14.86 6.85 -10.48
N TYR B 247 -14.34 6.63 -9.29
CA TYR B 247 -13.41 7.60 -8.70
C TYR B 247 -12.05 7.53 -9.35
N ILE B 248 -11.67 6.33 -9.75
CA ILE B 248 -10.37 6.12 -10.40
C ILE B 248 -10.40 6.90 -11.71
N GLU B 249 -11.49 6.70 -12.44
CA GLU B 249 -11.71 7.33 -13.71
C GLU B 249 -11.79 8.87 -13.58
N ALA B 250 -12.42 9.36 -12.51
CA ALA B 250 -12.50 10.79 -12.31
C ALA B 250 -11.11 11.35 -11.93
N LEU B 251 -10.29 10.57 -11.23
CA LEU B 251 -8.95 11.04 -10.89
C LEU B 251 -8.15 11.14 -12.17
N LYS B 252 -8.24 10.13 -13.04
CA LYS B 252 -7.52 10.16 -14.31
C LYS B 252 -7.95 11.41 -15.06
N ALA B 253 -9.27 11.59 -15.22
CA ALA B 253 -9.82 12.76 -15.91
C ALA B 253 -9.26 14.06 -15.35
N TYR B 254 -9.24 14.17 -14.04
CA TYR B 254 -8.74 15.36 -13.36
C TYR B 254 -7.27 15.59 -13.60
N VAL B 255 -6.46 14.55 -13.37
CA VAL B 255 -5.01 14.66 -13.53
C VAL B 255 -4.58 14.97 -14.95
N GLU B 256 -5.24 14.33 -15.91
CA GLU B 256 -4.95 14.56 -17.32
C GLU B 256 -5.34 15.98 -17.72
N ASN B 257 -6.53 16.42 -17.33
CA ASN B 257 -6.99 17.74 -17.68
C ASN B 257 -6.33 18.91 -16.95
N ARG B 258 -5.35 18.64 -16.09
CA ARG B 258 -4.61 19.73 -15.46
C ARG B 258 -3.62 19.99 -16.58
N ARG B 259 -3.99 19.47 -17.76
CA ARG B 259 -3.26 19.51 -19.05
C ARG B 259 -1.78 19.84 -18.83
N LYS B 260 -1.23 19.18 -17.81
CA LYS B 260 0.15 19.33 -17.39
C LYS B 260 0.93 18.18 -18.01
N PRO B 261 2.23 18.40 -18.28
CA PRO B 261 2.98 17.28 -18.86
C PRO B 261 3.07 16.22 -17.74
N TYR B 262 3.60 15.04 -18.05
CA TYR B 262 3.74 13.98 -17.05
C TYR B 262 2.45 13.31 -16.56
N ALA B 263 1.30 13.90 -16.88
CA ALA B 263 -0.01 13.38 -16.46
C ALA B 263 -0.07 11.87 -16.15
N THR B 264 0.39 11.03 -17.07
CA THR B 264 0.35 9.60 -16.81
C THR B 264 1.32 9.23 -15.68
N THR B 265 2.47 9.90 -15.65
CA THR B 265 3.43 9.62 -14.59
C THR B 265 2.91 10.13 -13.24
N ILE B 266 2.18 11.23 -13.24
CA ILE B 266 1.64 11.75 -11.99
C ILE B 266 0.53 10.80 -11.55
N PHE B 267 -0.39 10.49 -12.44
CA PHE B 267 -1.47 9.56 -12.10
C PHE B 267 -0.97 8.24 -11.49
N ALA B 268 0.07 7.68 -12.11
CA ALA B 268 0.67 6.42 -11.66
C ALA B 268 1.35 6.60 -10.30
N LYS B 269 1.98 7.75 -10.09
CA LYS B 269 2.63 8.03 -8.81
C LYS B 269 1.58 8.22 -7.70
N LEU B 270 0.43 8.82 -8.02
CA LEU B 270 -0.63 9.02 -7.04
C LEU B 270 -1.16 7.67 -6.61
N LEU B 271 -1.52 6.84 -7.59
CA LEU B 271 -2.03 5.52 -7.30
C LEU B 271 -1.10 4.66 -6.46
N SER B 272 0.21 4.77 -6.71
CA SER B 272 1.21 3.99 -5.99
C SER B 272 1.15 4.27 -4.51
N VAL B 273 0.74 5.49 -4.16
CA VAL B 273 0.66 5.84 -2.77
C VAL B 273 -0.16 4.79 -2.01
N LEU B 274 -1.10 4.16 -2.72
CA LEU B 274 -1.97 3.13 -2.16
C LEU B 274 -1.24 1.87 -1.69
N THR B 275 -0.11 1.57 -2.31
CA THR B 275 0.71 0.43 -1.92
C THR B 275 1.42 0.82 -0.62
N GLU B 276 1.81 2.09 -0.55
CA GLU B 276 2.48 2.58 0.62
C GLU B 276 1.53 2.46 1.80
N LEU B 277 0.25 2.71 1.58
CA LEU B 277 -0.74 2.60 2.65
C LEU B 277 -0.83 1.20 3.25
N ARG B 278 -0.67 0.16 2.45
CA ARG B 278 -0.69 -1.19 2.99
C ARG B 278 0.45 -1.39 4.00
N THR B 279 1.60 -0.76 3.83
CA THR B 279 2.59 -1.04 4.82
C THR B 279 2.35 -0.15 6.03
N LEU B 280 1.88 1.06 5.80
CA LEU B 280 1.63 1.99 6.89
C LEU B 280 0.50 1.50 7.80
N GLY B 281 -0.50 0.90 7.16
CA GLY B 281 -1.65 0.41 7.88
C GLY B 281 -1.27 -0.81 8.67
N ASN B 282 -0.29 -1.53 8.15
CA ASN B 282 0.21 -2.76 8.78
C ASN B 282 1.00 -2.33 9.99
N MET B 283 1.79 -1.28 9.79
CA MET B 283 2.60 -0.70 10.84
C MET B 283 1.68 -0.26 11.97
N ASN B 284 0.59 0.40 11.61
CA ASN B 284 -0.29 0.84 12.67
C ASN B 284 -0.76 -0.33 13.52
N SER B 285 -1.18 -1.40 12.87
CA SER B 285 -1.66 -2.60 13.57
C SER B 285 -0.58 -3.17 14.46
N GLU B 286 0.65 -3.10 13.96
CA GLU B 286 1.83 -3.58 14.67
C GLU B 286 2.00 -2.73 15.93
N THR B 287 1.84 -1.42 15.79
CA THR B 287 1.93 -0.51 16.93
C THR B 287 0.85 -0.88 17.98
N CYS B 288 -0.33 -1.26 17.54
CA CYS B 288 -1.38 -1.62 18.49
C CYS B 288 -1.04 -2.86 19.27
N PHE B 289 -0.40 -3.81 18.61
CA PHE B 289 -0.02 -5.06 19.26
C PHE B 289 0.91 -4.76 20.40
N SER B 290 1.87 -3.88 20.13
CA SER B 290 2.88 -3.50 21.09
C SER B 290 2.35 -2.77 22.28
N LEU B 291 1.44 -1.82 22.06
CA LEU B 291 0.85 -1.08 23.16
C LEU B 291 0.09 -2.09 24.02
N LYS B 292 -0.42 -3.14 23.38
CA LYS B 292 -1.16 -4.16 24.09
C LYS B 292 -0.22 -5.05 24.91
N LEU B 293 1.03 -5.16 24.48
CA LEU B 293 2.06 -5.95 25.14
C LEU B 293 2.57 -5.21 26.35
N LYS B 294 2.92 -3.95 26.12
CA LYS B 294 3.41 -3.04 27.15
C LYS B 294 2.26 -2.71 28.07
N ASN B 295 1.08 -3.19 27.68
CA ASN B 295 -0.15 -2.96 28.42
C ASN B 295 -0.42 -1.47 28.68
N ARG B 296 -0.68 -0.71 27.61
CA ARG B 296 -0.97 0.70 27.70
C ARG B 296 -2.36 0.79 27.14
N LYS B 297 -3.16 1.72 27.67
CA LYS B 297 -4.56 1.89 27.25
C LYS B 297 -4.84 2.30 25.80
N VAL B 298 -5.36 1.34 25.03
CA VAL B 298 -5.72 1.63 23.65
C VAL B 298 -7.22 1.81 23.67
N PRO B 299 -7.73 3.01 23.34
CA PRO B 299 -9.18 3.27 23.34
C PRO B 299 -9.98 2.13 22.74
N SER B 300 -10.92 1.60 23.50
CA SER B 300 -11.73 0.47 23.02
C SER B 300 -12.28 0.66 21.60
N PHE B 301 -12.76 1.86 21.27
CA PHE B 301 -13.29 2.13 19.94
C PHE B 301 -12.31 1.68 18.88
N LEU B 302 -11.04 2.04 19.08
CA LEU B 302 -9.95 1.70 18.17
C LEU B 302 -9.67 0.21 18.13
N GLU B 303 -9.76 -0.45 19.29
CA GLU B 303 -9.53 -1.88 19.32
C GLU B 303 -10.65 -2.55 18.51
N GLU B 304 -11.89 -2.13 18.76
CA GLU B 304 -13.09 -2.63 18.08
C GLU B 304 -13.03 -2.48 16.57
N ILE B 305 -12.49 -1.37 16.10
CA ILE B 305 -12.44 -1.09 14.66
C ILE B 305 -11.26 -1.67 13.92
N TRP B 306 -10.10 -1.63 14.56
CA TRP B 306 -8.89 -2.16 13.97
C TRP B 306 -8.69 -3.60 14.37
N ASP B 307 -9.61 -4.13 15.17
CA ASP B 307 -9.51 -5.50 15.64
C ASP B 307 -8.21 -5.62 16.39
N VAL B 308 -8.05 -4.78 17.41
CA VAL B 308 -6.84 -4.77 18.22
C VAL B 308 -7.04 -5.40 19.58
N VAL B 309 -6.77 -6.68 19.72
CA VAL B 309 -6.91 -7.29 21.04
C VAL B 309 -5.72 -8.21 21.30
P PO4 C . -6.60 -6.39 -2.08
O1 PO4 C . -6.95 -7.38 -3.24
O2 PO4 C . -6.54 -4.95 -2.54
O3 PO4 C . -5.24 -6.85 -1.48
O4 PO4 C . -7.63 -6.56 -0.96
P PO4 D . -9.70 -4.20 -26.77
O1 PO4 D . -8.73 -4.16 -27.98
O2 PO4 D . -9.48 -3.06 -25.80
O3 PO4 D . -9.51 -5.59 -26.08
O4 PO4 D . -11.13 -4.18 -27.31
P PO4 E . 15.72 -11.32 6.86
O1 PO4 E . 15.61 -11.91 8.28
O2 PO4 E . 14.69 -10.22 6.65
O3 PO4 E . 15.53 -12.53 5.85
O4 PO4 E . 17.17 -10.73 6.73
P PO4 F . 6.85 17.92 22.95
O1 PO4 F . 6.30 19.03 23.89
O2 PO4 F . 5.83 17.51 21.91
O3 PO4 F . 7.28 16.71 23.85
O4 PO4 F . 8.12 18.47 22.25
C5 P1A G . -5.79 15.65 13.71
C10 P1A G . -5.01 14.86 12.57
C1 P1A G . -5.79 15.05 11.25
C2 P1A G . -7.24 14.61 11.32
C3 P1A G . -8.03 15.35 12.46
C4 P1A G . -7.29 15.14 13.83
C9 P1A G . -4.97 13.30 13.02
C19 P1A G . -3.59 15.46 12.42
C11 P1A G . -4.20 12.47 11.93
C8 P1A G . -4.33 13.19 14.47
C12 P1A G . -3.61 11.12 12.39
C14 P1A G . -3.76 11.83 14.82
C13 P1A G . -2.77 11.21 13.72
C18 P1A G . -1.50 12.11 13.52
C17 P1A G . -2.44 9.90 14.51
O14 P1A G . -4.94 10.98 14.92
C15 P1A G . -3.06 11.61 16.16
C20 P1A G . -1.28 8.95 13.97
C16 P1A G . -2.13 10.41 15.96
C22 P1A G . -1.03 7.75 14.93
O20 P1A G . -0.02 9.68 13.93
C21 P1A G . -1.60 8.43 12.53
C6 P1A G . -5.10 15.45 15.08
C7 P1A G . -4.41 14.21 15.38
O3 P1A G . -8.10 16.75 12.19
O2 P1A G . -7.91 14.82 10.08
O22 P1A G . 0.05 6.99 14.35
C23 P1A G . -2.22 6.76 15.17
C24 P1A G . -1.85 5.83 16.34
C25 P1A G . -2.89 5.04 17.00
C26 P1A G . -3.11 5.60 18.46
C27 P1A G . -2.55 3.58 17.03
O6 P1A G . -5.16 16.33 15.93
#